data_4Y96
#
_entry.id   4Y96
#
_cell.length_a   124.778
_cell.length_b   124.778
_cell.length_c   134.231
_cell.angle_alpha   90.00
_cell.angle_beta   90.00
_cell.angle_gamma   120.00
#
_symmetry.space_group_name_H-M   'P 65 2 2'
#
loop_
_entity.id
_entity.type
_entity.pdbx_description
1 polymer 'Triosephosphate Isomerase'
2 non-polymer 'SODIUM ION'
3 non-polymer 'PHOSPHATE ION'
4 non-polymer 'CALCIUM ION'
5 water water
#
_entity_poly.entity_id   1
_entity_poly.type   'polypeptide(L)'
_entity_poly.pdbx_seq_one_letter_code
;GSHMPTRKKFVAGNWKMNTTLAEAKALGAAVAKGVTDDRVTVAVFPPYPWLTAVGEVLKGSPVALGAQDVSSEKKGAFTG
EVSPAMLLETGCKYALIGHSERRHIIGESETFINHKVHTALEEGLSVVLCMGETLAERERGLQERVFQRQVYAACAGLTD
EQFGRIVIAYEPVWAIGTGKVATPEQAQEAHAFVRSKLRLLYGDKIADSTPIVYGGSVTPDNTVGLMSQPDVDGALVGGA
SLKADSFLAIVKAAG
;
_entity_poly.pdbx_strand_id   A,B
#
# COMPACT_ATOMS: atom_id res chain seq x y z
N THR A 6 11.73 -27.62 -0.74
CA THR A 6 10.42 -28.24 -0.54
C THR A 6 9.68 -27.65 0.66
N ARG A 7 8.64 -26.90 0.36
CA ARG A 7 7.85 -26.22 1.37
C ARG A 7 6.82 -27.18 1.98
N LYS A 8 6.72 -27.20 3.30
CA LYS A 8 5.70 -28.00 3.98
C LYS A 8 4.34 -27.41 3.63
N LYS A 9 3.40 -28.25 3.22
CA LYS A 9 2.09 -27.74 2.81
C LYS A 9 1.27 -27.28 4.02
N PHE A 10 0.30 -26.41 3.73
CA PHE A 10 -0.44 -25.67 4.74
C PHE A 10 -1.90 -25.67 4.32
N VAL A 11 -2.76 -26.21 5.16
CA VAL A 11 -4.18 -26.26 4.84
C VAL A 11 -4.97 -25.62 5.99
N ALA A 12 -5.65 -24.53 5.68
CA ALA A 12 -6.36 -23.75 6.70
C ALA A 12 -7.84 -23.75 6.42
N GLY A 13 -8.64 -23.90 7.48
CA GLY A 13 -10.09 -23.88 7.33
C GLY A 13 -10.72 -22.62 7.91
N ASN A 14 -11.20 -21.76 7.02
CA ASN A 14 -11.84 -20.50 7.42
C ASN A 14 -13.33 -20.70 7.55
N TRP A 15 -13.81 -20.81 8.79
CA TRP A 15 -15.22 -21.11 9.01
C TRP A 15 -16.12 -19.90 8.77
N LYS A 16 -15.51 -18.72 8.65
CA LYS A 16 -16.22 -17.45 8.51
C LYS A 16 -17.28 -17.30 9.60
N MET A 17 -18.39 -16.64 9.31
CA MET A 17 -19.34 -16.29 10.38
C MET A 17 -20.41 -17.38 10.44
N ASN A 18 -19.97 -18.57 10.82
CA ASN A 18 -20.79 -19.76 10.84
C ASN A 18 -20.47 -20.60 12.07
N THR A 19 -21.37 -21.54 12.36
CA THR A 19 -21.35 -22.54 13.44
C THR A 19 -21.93 -22.04 14.76
N THR A 20 -22.74 -22.88 15.36
CA THR A 20 -23.12 -22.73 16.76
C THR A 20 -22.01 -23.28 17.62
N LEU A 21 -22.11 -23.10 18.94
CA LEU A 21 -21.10 -23.60 19.83
C LEU A 21 -20.96 -25.13 19.70
N ALA A 22 -22.10 -25.82 19.69
CA ALA A 22 -22.07 -27.28 19.55
C ALA A 22 -21.44 -27.72 18.24
N GLU A 23 -21.80 -27.05 17.15
CA GLU A 23 -21.28 -27.37 15.83
C GLU A 23 -19.78 -27.11 15.77
N ALA A 24 -19.35 -26.04 16.43
CA ALA A 24 -17.93 -25.70 16.46
C ALA A 24 -17.13 -26.77 17.17
N LYS A 25 -17.63 -27.22 18.31
CA LYS A 25 -16.95 -28.27 19.07
C LYS A 25 -16.87 -29.55 18.23
N ALA A 26 -17.98 -29.90 17.59
CA ALA A 26 -18.07 -31.14 16.82
C ALA A 26 -17.12 -31.11 15.63
N LEU A 27 -17.09 -29.97 14.93
CA LEU A 27 -16.26 -29.81 13.74
C LEU A 27 -14.80 -29.86 14.13
N GLY A 28 -14.43 -29.12 15.17
CA GLY A 28 -13.07 -29.17 15.67
C GLY A 28 -12.63 -30.56 16.06
N ALA A 29 -13.49 -31.27 16.79
CA ALA A 29 -13.13 -32.58 17.28
C ALA A 29 -12.98 -33.56 16.12
N ALA A 30 -13.86 -33.45 15.12
CA ALA A 30 -13.82 -34.37 13.99
C ALA A 30 -12.56 -34.15 13.14
N VAL A 31 -12.19 -32.88 12.96
CA VAL A 31 -10.98 -32.58 12.21
C VAL A 31 -9.74 -33.05 13.00
N ALA A 32 -9.73 -32.80 14.30
CA ALA A 32 -8.60 -33.22 15.14
C ALA A 32 -8.36 -34.73 15.06
N LYS A 33 -9.44 -35.49 15.14
CA LYS A 33 -9.35 -36.95 15.13
C LYS A 33 -8.83 -37.46 13.78
N GLY A 34 -9.05 -36.68 12.73
CA GLY A 34 -8.70 -37.14 11.39
C GLY A 34 -7.29 -36.79 11.00
N VAL A 35 -6.67 -35.90 11.76
CA VAL A 35 -5.32 -35.47 11.43
C VAL A 35 -4.36 -36.26 12.29
N THR A 36 -3.81 -37.30 11.67
CA THR A 36 -3.16 -38.38 12.39
C THR A 36 -1.65 -38.39 12.17
N ASP A 37 -1.15 -37.39 11.45
CA ASP A 37 0.29 -37.20 11.29
C ASP A 37 0.57 -35.70 11.23
N ASP A 38 1.85 -35.32 11.14
CA ASP A 38 2.22 -33.92 11.12
C ASP A 38 2.86 -33.51 9.80
N ARG A 39 2.56 -34.24 8.73
CA ARG A 39 3.19 -34.03 7.43
C ARG A 39 2.68 -32.76 6.75
N VAL A 40 1.47 -32.35 7.09
CA VAL A 40 0.87 -31.13 6.57
C VAL A 40 0.50 -30.24 7.74
N THR A 41 0.79 -28.94 7.64
CA THR A 41 0.37 -28.01 8.66
C THR A 41 -1.12 -27.76 8.52
N VAL A 42 -1.89 -28.05 9.56
CA VAL A 42 -3.34 -27.90 9.49
C VAL A 42 -3.84 -26.94 10.56
N ALA A 43 -4.71 -26.01 10.19
CA ALA A 43 -5.22 -25.05 11.16
C ALA A 43 -6.68 -24.78 10.88
N VAL A 44 -7.47 -24.57 11.93
CA VAL A 44 -8.87 -24.18 11.75
C VAL A 44 -9.15 -22.84 12.41
N PHE A 45 -10.05 -22.06 11.79
CA PHE A 45 -10.28 -20.67 12.17
C PHE A 45 -11.76 -20.43 12.51
N PRO A 46 -12.15 -20.69 13.75
CA PRO A 46 -13.51 -20.42 14.21
C PRO A 46 -13.74 -18.95 14.45
N PRO A 47 -15.02 -18.54 14.55
CA PRO A 47 -15.32 -17.16 14.99
C PRO A 47 -14.88 -16.95 16.45
N TYR A 48 -14.58 -15.71 16.81
CA TYR A 48 -14.00 -15.43 18.13
C TYR A 48 -14.67 -16.10 19.33
N PRO A 49 -16.03 -16.08 19.41
CA PRO A 49 -16.61 -16.56 20.68
C PRO A 49 -16.34 -18.04 20.94
N TRP A 50 -16.06 -18.82 19.90
CA TRP A 50 -15.86 -20.26 20.10
C TRP A 50 -14.40 -20.67 20.22
N LEU A 51 -13.48 -19.71 20.20
CA LEU A 51 -12.07 -20.06 20.18
C LEU A 51 -11.61 -20.91 21.37
N THR A 52 -11.98 -20.56 22.60
CA THR A 52 -11.53 -21.41 23.71
C THR A 52 -12.13 -22.81 23.62
N ALA A 53 -13.39 -22.92 23.18
CA ALA A 53 -14.03 -24.24 23.08
C ALA A 53 -13.38 -25.11 22.01
N VAL A 54 -13.04 -24.52 20.88
CA VAL A 54 -12.43 -25.31 19.81
C VAL A 54 -10.97 -25.64 20.18
N GLY A 55 -10.28 -24.67 20.79
CA GLY A 55 -8.94 -24.93 21.29
C GLY A 55 -8.91 -26.17 22.16
N GLU A 56 -9.92 -26.32 23.00
CA GLU A 56 -9.99 -27.48 23.89
C GLU A 56 -10.04 -28.80 23.13
N VAL A 57 -10.88 -28.87 22.09
CA VAL A 57 -11.08 -30.14 21.39
C VAL A 57 -9.91 -30.45 20.45
N LEU A 58 -9.06 -29.46 20.18
CA LEU A 58 -7.88 -29.68 19.34
C LEU A 58 -6.69 -30.19 20.13
N LYS A 59 -6.76 -30.09 21.45
CA LYS A 59 -5.67 -30.54 22.32
C LYS A 59 -5.33 -32.01 22.07
N GLY A 60 -4.03 -32.28 21.95
CA GLY A 60 -3.57 -33.64 21.71
C GLY A 60 -3.53 -34.01 20.24
N SER A 61 -3.89 -33.07 19.38
CA SER A 61 -3.80 -33.28 17.95
C SER A 61 -2.78 -32.32 17.34
N PRO A 62 -2.36 -32.57 16.09
CA PRO A 62 -1.45 -31.64 15.40
C PRO A 62 -2.14 -30.37 14.91
N VAL A 63 -3.45 -30.29 15.04
CA VAL A 63 -4.21 -29.20 14.41
C VAL A 63 -4.09 -27.94 15.24
N ALA A 64 -3.73 -26.85 14.56
CA ALA A 64 -3.59 -25.54 15.17
C ALA A 64 -4.90 -24.76 15.15
N LEU A 65 -5.01 -23.83 16.08
CA LEU A 65 -6.15 -22.93 16.14
C LEU A 65 -5.74 -21.59 15.57
N GLY A 66 -6.67 -20.91 14.89
CA GLY A 66 -6.42 -19.56 14.41
C GLY A 66 -7.65 -18.68 14.49
N ALA A 67 -7.42 -17.37 14.43
CA ALA A 67 -8.51 -16.39 14.45
C ALA A 67 -8.67 -15.76 13.07
N GLN A 68 -9.88 -15.30 12.79
CA GLN A 68 -10.23 -14.76 11.48
C GLN A 68 -9.81 -13.31 11.26
N ASP A 69 -9.33 -12.67 12.32
CA ASP A 69 -8.90 -11.27 12.28
C ASP A 69 -8.19 -11.03 13.61
N VAL A 70 -7.54 -9.88 13.73
CA VAL A 70 -6.82 -9.51 14.95
C VAL A 70 -6.66 -8.00 14.97
N SER A 71 -6.67 -7.41 16.17
CA SER A 71 -6.43 -5.99 16.31
C SER A 71 -5.04 -5.54 15.86
N SER A 72 -4.94 -4.29 15.42
CA SER A 72 -3.65 -3.68 15.15
C SER A 72 -2.97 -3.18 16.44
N GLU A 73 -3.68 -3.26 17.56
CA GLU A 73 -3.19 -2.80 18.85
C GLU A 73 -3.05 -3.95 19.83
N LYS A 74 -2.21 -3.75 20.84
CA LYS A 74 -1.86 -4.84 21.75
C LYS A 74 -2.76 -4.90 22.99
N LYS A 75 -3.38 -3.78 23.32
CA LYS A 75 -4.25 -3.68 24.48
C LYS A 75 -4.96 -2.34 24.47
N GLY A 76 -6.04 -2.23 25.23
CA GLY A 76 -6.55 -0.93 25.57
C GLY A 76 -7.87 -0.49 24.97
N ALA A 77 -7.94 0.80 24.68
CA ALA A 77 -9.21 1.45 24.41
C ALA A 77 -9.59 1.32 22.94
N PHE A 78 -9.92 0.09 22.54
CA PHE A 78 -10.28 -0.24 21.16
C PHE A 78 -11.51 -1.12 21.20
N THR A 79 -12.64 -0.49 21.51
CA THR A 79 -13.90 -1.20 21.72
C THR A 79 -14.22 -2.11 20.54
N GLY A 80 -14.52 -3.37 20.84
CA GLY A 80 -14.92 -4.33 19.83
C GLY A 80 -13.77 -5.11 19.21
N GLU A 81 -12.53 -4.71 19.49
CA GLU A 81 -11.35 -5.34 18.91
C GLU A 81 -10.81 -6.45 19.81
N VAL A 82 -10.14 -7.43 19.19
CA VAL A 82 -9.55 -8.57 19.91
C VAL A 82 -8.03 -8.59 19.76
N SER A 83 -7.31 -8.62 20.88
CA SER A 83 -5.86 -8.44 20.84
C SER A 83 -5.11 -9.74 20.57
N PRO A 84 -3.88 -9.65 20.07
CA PRO A 84 -3.05 -10.85 19.97
C PRO A 84 -2.95 -11.62 21.28
N ALA A 85 -2.80 -10.91 22.39
CA ALA A 85 -2.70 -11.55 23.71
C ALA A 85 -3.92 -12.42 23.99
N MET A 86 -5.11 -11.88 23.69
CA MET A 86 -6.33 -12.66 23.88
C MET A 86 -6.32 -13.90 22.98
N LEU A 87 -5.97 -13.72 21.72
CA LEU A 87 -5.96 -14.86 20.80
C LEU A 87 -4.98 -15.94 21.26
N LEU A 88 -3.79 -15.52 21.67
CA LEU A 88 -2.79 -16.48 22.16
C LEU A 88 -3.32 -17.22 23.37
N GLU A 89 -4.03 -16.53 24.25
CA GLU A 89 -4.56 -17.21 25.44
C GLU A 89 -5.62 -18.24 25.07
N THR A 90 -6.40 -17.99 24.02
CA THR A 90 -7.41 -18.97 23.61
C THR A 90 -6.77 -20.23 23.01
N GLY A 91 -5.49 -20.12 22.66
CA GLY A 91 -4.77 -21.22 22.03
C GLY A 91 -4.37 -20.98 20.58
N CYS A 92 -4.66 -19.80 20.05
CA CYS A 92 -4.34 -19.54 18.64
C CYS A 92 -2.85 -19.50 18.38
N LYS A 93 -2.46 -20.08 17.25
CA LYS A 93 -1.13 -19.91 16.69
C LYS A 93 -1.14 -18.92 15.52
N TYR A 94 -2.30 -18.77 14.86
CA TYR A 94 -2.40 -17.97 13.63
C TYR A 94 -3.50 -16.93 13.70
N ALA A 95 -3.35 -15.88 12.89
CA ALA A 95 -4.45 -14.98 12.61
C ALA A 95 -4.47 -14.75 11.10
N LEU A 96 -5.67 -14.78 10.52
CA LEU A 96 -5.88 -14.29 9.16
C LEU A 96 -5.86 -12.78 9.18
N ILE A 97 -5.18 -12.19 8.21
CA ILE A 97 -5.18 -10.72 8.06
C ILE A 97 -5.43 -10.35 6.59
N GLY A 98 -6.31 -9.39 6.37
CA GLY A 98 -6.56 -8.93 5.02
C GLY A 98 -7.46 -9.80 4.17
N HIS A 99 -8.27 -10.65 4.80
CA HIS A 99 -9.22 -11.43 4.00
C HIS A 99 -10.05 -10.51 3.10
N SER A 100 -10.35 -11.00 1.90
CA SER A 100 -11.09 -10.21 0.91
CA SER A 100 -11.08 -10.19 0.92
C SER A 100 -12.39 -9.62 1.46
N GLU A 101 -13.09 -10.38 2.31
CA GLU A 101 -14.33 -9.86 2.86
C GLU A 101 -14.08 -8.68 3.78
N ARG A 102 -12.93 -8.68 4.44
CA ARG A 102 -12.60 -7.57 5.31
C ARG A 102 -12.08 -6.40 4.49
N ARG A 103 -11.32 -6.67 3.44
CA ARG A 103 -10.81 -5.59 2.59
C ARG A 103 -11.92 -4.86 1.86
N HIS A 104 -12.83 -5.62 1.26
CA HIS A 104 -13.76 -5.10 0.26
C HIS A 104 -15.16 -4.86 0.80
N ILE A 105 -15.61 -5.68 1.75
CA ILE A 105 -16.93 -5.48 2.33
C ILE A 105 -16.84 -4.59 3.57
N ILE A 106 -15.99 -4.96 4.52
CA ILE A 106 -15.81 -4.15 5.74
C ILE A 106 -15.04 -2.85 5.44
N GLY A 107 -13.96 -2.94 4.68
CA GLY A 107 -13.22 -1.77 4.20
C GLY A 107 -11.83 -1.50 4.75
N GLU A 108 -11.14 -2.56 5.17
CA GLU A 108 -9.81 -2.44 5.78
C GLU A 108 -8.75 -1.95 4.82
N SER A 109 -7.98 -0.94 5.25
CA SER A 109 -6.96 -0.32 4.41
C SER A 109 -5.61 -1.00 4.50
N GLU A 110 -4.73 -0.69 3.55
CA GLU A 110 -3.37 -1.21 3.61
C GLU A 110 -2.64 -0.73 4.86
N THR A 111 -2.94 0.49 5.32
CA THR A 111 -2.29 0.99 6.52
C THR A 111 -2.65 0.11 7.73
N PHE A 112 -3.94 -0.17 7.86
CA PHE A 112 -4.48 -1.01 8.92
C PHE A 112 -3.89 -2.42 8.82
N ILE A 113 -3.86 -2.99 7.62
CA ILE A 113 -3.34 -4.34 7.41
C ILE A 113 -1.86 -4.43 7.78
N ASN A 114 -1.07 -3.46 7.33
CA ASN A 114 0.35 -3.45 7.64
C ASN A 114 0.58 -3.37 9.15
N HIS A 115 -0.21 -2.54 9.83
CA HIS A 115 -0.08 -2.43 11.28
C HIS A 115 -0.46 -3.76 11.97
N LYS A 116 -1.54 -4.39 11.50
CA LYS A 116 -1.96 -5.68 12.05
C LYS A 116 -0.87 -6.75 11.90
N VAL A 117 -0.23 -6.80 10.73
CA VAL A 117 0.82 -7.79 10.51
C VAL A 117 1.95 -7.62 11.53
N HIS A 118 2.44 -6.40 11.67
CA HIS A 118 3.49 -6.12 12.66
C HIS A 118 3.05 -6.45 14.07
N THR A 119 1.87 -5.99 14.46
CA THR A 119 1.38 -6.20 15.83
C THR A 119 1.21 -7.68 16.13
N ALA A 120 0.61 -8.41 15.20
CA ALA A 120 0.44 -9.86 15.41
C ALA A 120 1.80 -10.56 15.56
N LEU A 121 2.74 -10.25 14.69
CA LEU A 121 4.04 -10.90 14.73
C LEU A 121 4.81 -10.51 16.00
N GLU A 122 4.78 -9.23 16.34
CA GLU A 122 5.49 -8.79 17.55
C GLU A 122 5.01 -9.49 18.81
N GLU A 123 3.71 -9.76 18.87
CA GLU A 123 3.11 -10.37 20.06
C GLU A 123 3.23 -11.89 20.09
N GLY A 124 3.66 -12.50 18.99
CA GLY A 124 3.92 -13.93 18.99
C GLY A 124 3.03 -14.81 18.13
N LEU A 125 2.11 -14.21 17.38
CA LEU A 125 1.30 -14.97 16.43
C LEU A 125 2.03 -15.20 15.12
N SER A 126 1.59 -16.21 14.38
CA SER A 126 1.93 -16.34 12.98
C SER A 126 0.78 -15.79 12.15
N VAL A 127 1.08 -15.37 10.93
CA VAL A 127 0.13 -14.60 10.13
C VAL A 127 -0.16 -15.24 8.79
N VAL A 128 -1.43 -15.35 8.46
CA VAL A 128 -1.83 -15.73 7.09
C VAL A 128 -2.32 -14.45 6.43
N LEU A 129 -1.48 -13.91 5.55
CA LEU A 129 -1.78 -12.66 4.87
C LEU A 129 -2.56 -12.97 3.61
N CYS A 130 -3.80 -12.49 3.55
CA CYS A 130 -4.66 -12.73 2.38
C CYS A 130 -4.53 -11.62 1.37
N MET A 131 -4.53 -11.98 0.09
CA MET A 131 -4.44 -10.98 -0.97
C MET A 131 -5.10 -11.52 -2.23
N GLY A 132 -5.21 -10.71 -3.28
CA GLY A 132 -5.89 -11.13 -4.49
C GLY A 132 -6.68 -10.01 -5.15
N GLU A 133 -6.98 -10.21 -6.43
CA GLU A 133 -7.62 -9.17 -7.24
C GLU A 133 -9.11 -9.41 -7.48
N THR A 134 -9.82 -8.31 -7.71
CA THR A 134 -11.24 -8.37 -8.04
C THR A 134 -11.45 -8.71 -9.52
N LEU A 135 -12.70 -9.00 -9.89
CA LEU A 135 -13.05 -9.26 -11.29
C LEU A 135 -12.71 -8.05 -12.13
N ALA A 136 -13.06 -6.85 -11.64
CA ALA A 136 -12.81 -5.64 -12.41
C ALA A 136 -11.31 -5.47 -12.65
N GLU A 137 -10.50 -5.78 -11.64
CA GLU A 137 -9.06 -5.64 -11.77
C GLU A 137 -8.51 -6.66 -12.75
N ARG A 138 -9.01 -7.89 -12.65
CA ARG A 138 -8.58 -8.97 -13.52
C ARG A 138 -8.89 -8.65 -14.97
N GLU A 139 -10.11 -8.16 -15.21
CA GLU A 139 -10.55 -7.94 -16.58
C GLU A 139 -9.77 -6.82 -17.25
N ARG A 140 -9.20 -5.94 -16.44
CA ARG A 140 -8.39 -4.85 -16.95
C ARG A 140 -6.90 -5.14 -16.88
N GLY A 141 -6.56 -6.40 -16.60
CA GLY A 141 -5.18 -6.84 -16.57
C GLY A 141 -4.35 -6.16 -15.49
N LEU A 142 -5.00 -5.78 -14.40
CA LEU A 142 -4.31 -5.07 -13.32
C LEU A 142 -3.81 -6.01 -12.21
N GLN A 143 -3.99 -7.31 -12.37
CA GLN A 143 -3.73 -8.21 -11.25
C GLN A 143 -2.28 -8.11 -10.73
N GLU A 144 -1.30 -7.93 -11.62
CA GLU A 144 0.10 -7.83 -11.16
C GLU A 144 0.37 -6.52 -10.39
N ARG A 145 -0.26 -5.43 -10.80
CA ARG A 145 -0.18 -4.17 -10.04
C ARG A 145 -0.74 -4.37 -8.63
N VAL A 146 -1.91 -5.01 -8.56
CA VAL A 146 -2.56 -5.24 -7.28
C VAL A 146 -1.74 -6.15 -6.38
N PHE A 147 -1.22 -7.24 -6.96
CA PHE A 147 -0.43 -8.19 -6.17
C PHE A 147 0.79 -7.49 -5.55
N GLN A 148 1.47 -6.69 -6.37
CA GLN A 148 2.64 -5.97 -5.89
C GLN A 148 2.29 -4.98 -4.78
N ARG A 149 1.24 -4.18 -5.00
CA ARG A 149 0.79 -3.23 -4.00
CA ARG A 149 0.79 -3.23 -4.00
C ARG A 149 0.45 -3.92 -2.68
N GLN A 150 -0.30 -5.01 -2.77
CA GLN A 150 -0.75 -5.72 -1.57
C GLN A 150 0.39 -6.37 -0.79
N VAL A 151 1.29 -7.04 -1.51
CA VAL A 151 2.35 -7.78 -0.85
C VAL A 151 3.36 -6.79 -0.27
N TYR A 152 3.79 -5.81 -1.04
CA TYR A 152 4.81 -4.89 -0.56
C TYR A 152 4.27 -3.93 0.53
N ALA A 153 3.02 -3.53 0.44
CA ALA A 153 2.44 -2.69 1.51
C ALA A 153 2.28 -3.48 2.80
N ALA A 154 1.79 -4.71 2.72
CA ALA A 154 1.57 -5.47 3.95
C ALA A 154 2.87 -5.84 4.62
N CYS A 155 3.90 -6.12 3.83
CA CYS A 155 5.17 -6.59 4.37
C CYS A 155 6.14 -5.45 4.71
N ALA A 156 5.71 -4.20 4.46
CA ALA A 156 6.61 -3.06 4.66
C ALA A 156 7.16 -3.01 6.08
N GLY A 157 8.49 -3.07 6.19
CA GLY A 157 9.14 -3.00 7.49
C GLY A 157 9.41 -4.34 8.17
N LEU A 158 8.88 -5.44 7.63
CA LEU A 158 9.16 -6.75 8.21
C LEU A 158 10.65 -7.07 8.11
N THR A 159 11.17 -7.71 9.15
CA THR A 159 12.52 -8.23 9.12
C THR A 159 12.53 -9.56 8.38
N ASP A 160 13.70 -9.99 7.92
CA ASP A 160 13.82 -11.29 7.28
C ASP A 160 13.33 -12.39 8.23
N GLU A 161 13.68 -12.26 9.50
CA GLU A 161 13.30 -13.26 10.50
C GLU A 161 11.78 -13.36 10.65
N GLN A 162 11.09 -12.22 10.56
CA GLN A 162 9.64 -12.18 10.73
C GLN A 162 8.93 -12.94 9.62
N PHE A 163 9.54 -13.00 8.44
CA PHE A 163 8.94 -13.73 7.33
C PHE A 163 8.80 -15.22 7.61
N GLY A 164 9.55 -15.71 8.59
CA GLY A 164 9.48 -17.10 8.95
C GLY A 164 8.13 -17.51 9.49
N ARG A 165 7.33 -16.52 9.88
CA ARG A 165 6.01 -16.78 10.44
C ARG A 165 4.89 -16.23 9.55
N ILE A 166 5.20 -16.07 8.27
CA ILE A 166 4.24 -15.57 7.28
C ILE A 166 3.83 -16.68 6.31
N VAL A 167 2.53 -16.80 6.08
CA VAL A 167 1.95 -17.57 4.98
C VAL A 167 1.17 -16.57 4.14
N ILE A 168 1.25 -16.65 2.82
CA ILE A 168 0.43 -15.80 1.97
C ILE A 168 -0.68 -16.65 1.37
N ALA A 169 -1.91 -16.12 1.39
CA ALA A 169 -3.04 -16.79 0.76
C ALA A 169 -3.52 -15.95 -0.42
N TYR A 170 -3.48 -16.54 -1.61
CA TYR A 170 -4.00 -15.91 -2.82
C TYR A 170 -5.46 -16.31 -2.99
N GLU A 171 -6.35 -15.33 -2.90
CA GLU A 171 -7.75 -15.64 -3.14
C GLU A 171 -8.26 -14.69 -4.22
N PRO A 172 -8.56 -15.21 -5.39
CA PRO A 172 -9.15 -14.22 -6.30
C PRO A 172 -10.56 -13.89 -5.83
N VAL A 173 -10.95 -12.62 -5.82
CA VAL A 173 -12.23 -12.25 -5.21
C VAL A 173 -13.40 -12.83 -6.00
N TRP A 174 -13.25 -12.87 -7.31
CA TRP A 174 -14.21 -13.56 -8.19
C TRP A 174 -14.39 -15.07 -7.87
N ALA A 175 -13.51 -15.63 -7.06
CA ALA A 175 -13.56 -17.07 -6.77
C ALA A 175 -14.16 -17.33 -5.40
N ILE A 176 -14.45 -16.28 -4.65
CA ILE A 176 -14.92 -16.50 -3.29
C ILE A 176 -16.45 -16.59 -3.25
N GLY A 177 -16.93 -17.78 -2.87
CA GLY A 177 -18.35 -18.03 -2.71
C GLY A 177 -19.16 -18.10 -4.00
N THR A 178 -18.46 -18.07 -5.14
CA THR A 178 -19.10 -17.98 -6.44
C THR A 178 -19.19 -19.33 -7.15
N GLY A 179 -18.43 -20.30 -6.64
CA GLY A 179 -18.33 -21.60 -7.28
C GLY A 179 -17.53 -21.53 -8.57
N LYS A 180 -16.79 -20.44 -8.74
CA LYS A 180 -15.94 -20.29 -9.91
C LYS A 180 -14.49 -20.29 -9.45
N VAL A 181 -13.91 -21.48 -9.37
CA VAL A 181 -12.53 -21.62 -8.92
C VAL A 181 -11.60 -21.12 -10.03
N ALA A 182 -10.44 -20.62 -9.63
CA ALA A 182 -9.38 -20.40 -10.60
C ALA A 182 -8.98 -21.77 -11.15
N THR A 183 -8.72 -21.88 -12.45
CA THR A 183 -8.14 -23.14 -12.95
C THR A 183 -6.82 -23.32 -12.23
N PRO A 184 -6.35 -24.56 -12.11
CA PRO A 184 -5.03 -24.73 -11.46
C PRO A 184 -3.95 -23.93 -12.15
N GLU A 185 -4.06 -23.79 -13.46
CA GLU A 185 -3.05 -23.06 -14.22
C GLU A 185 -3.12 -21.56 -13.91
N GLN A 186 -4.32 -21.04 -13.71
CA GLN A 186 -4.49 -19.64 -13.33
C GLN A 186 -3.96 -19.38 -11.92
N ALA A 187 -4.27 -20.30 -11.00
CA ALA A 187 -3.75 -20.20 -9.64
C ALA A 187 -2.24 -20.21 -9.66
N GLN A 188 -1.67 -21.14 -10.43
CA GLN A 188 -0.23 -21.27 -10.50
C GLN A 188 0.43 -19.99 -11.03
N GLU A 189 -0.19 -19.36 -12.03
CA GLU A 189 0.37 -18.12 -12.58
C GLU A 189 0.43 -17.02 -11.52
N ALA A 190 -0.65 -16.88 -10.77
CA ALA A 190 -0.69 -15.88 -9.70
C ALA A 190 0.33 -16.21 -8.61
N HIS A 191 0.40 -17.47 -8.17
CA HIS A 191 1.34 -17.83 -7.12
C HIS A 191 2.78 -17.60 -7.58
N ALA A 192 3.07 -17.93 -8.84
CA ALA A 192 4.41 -17.73 -9.35
C ALA A 192 4.78 -16.24 -9.36
N PHE A 193 3.81 -15.38 -9.69
CA PHE A 193 4.09 -13.96 -9.68
C PHE A 193 4.32 -13.44 -8.26
N VAL A 194 3.48 -13.87 -7.32
CA VAL A 194 3.67 -13.45 -5.93
C VAL A 194 5.05 -13.90 -5.44
N ARG A 195 5.46 -15.12 -5.77
CA ARG A 195 6.75 -15.60 -5.30
C ARG A 195 7.88 -14.77 -5.93
N SER A 196 7.71 -14.35 -7.18
CA SER A 196 8.68 -13.49 -7.83
CA SER A 196 8.71 -13.50 -7.82
C SER A 196 8.80 -12.15 -7.12
N LYS A 197 7.66 -11.59 -6.69
CA LYS A 197 7.71 -10.32 -5.97
C LYS A 197 8.49 -10.45 -4.67
N LEU A 198 8.29 -11.55 -3.94
CA LEU A 198 9.09 -11.80 -2.75
C LEU A 198 10.57 -11.89 -3.08
N ARG A 199 10.90 -12.61 -4.16
CA ARG A 199 12.28 -12.85 -4.53
C ARG A 199 13.01 -11.55 -4.86
N LEU A 200 12.37 -10.70 -5.64
CA LEU A 200 13.03 -9.49 -6.12
C LEU A 200 13.25 -8.46 -5.03
N LEU A 201 12.38 -8.43 -4.02
CA LEU A 201 12.56 -7.47 -2.94
C LEU A 201 13.18 -8.10 -1.69
N TYR A 202 12.82 -9.34 -1.39
CA TYR A 202 13.26 -9.96 -0.12
C TYR A 202 14.27 -11.10 -0.27
N GLY A 203 14.54 -11.51 -1.51
CA GLY A 203 15.60 -12.49 -1.74
C GLY A 203 15.14 -13.92 -1.90
N ASP A 204 16.07 -14.79 -2.30
CA ASP A 204 15.75 -16.17 -2.64
C ASP A 204 15.28 -17.00 -1.47
N LYS A 205 15.97 -16.89 -0.34
CA LYS A 205 15.60 -17.69 0.83
C LYS A 205 14.14 -17.47 1.22
N ILE A 206 13.74 -16.21 1.31
CA ILE A 206 12.38 -15.88 1.68
C ILE A 206 11.37 -16.31 0.60
N ALA A 207 11.71 -16.09 -0.66
CA ALA A 207 10.79 -16.46 -1.73
C ALA A 207 10.56 -17.97 -1.76
N ASP A 208 11.62 -18.73 -1.60
CA ASP A 208 11.52 -20.17 -1.76
C ASP A 208 11.01 -20.87 -0.52
N SER A 209 11.01 -20.18 0.62
CA SER A 209 10.59 -20.80 1.88
CA SER A 209 10.57 -20.82 1.87
C SER A 209 9.14 -20.45 2.28
N THR A 210 8.59 -19.38 1.73
CA THR A 210 7.28 -18.88 2.17
C THR A 210 6.14 -19.62 1.51
N PRO A 211 5.28 -20.28 2.31
CA PRO A 211 4.14 -20.96 1.69
C PRO A 211 3.16 -19.97 1.10
N ILE A 212 2.75 -20.24 -0.13
CA ILE A 212 1.71 -19.46 -0.78
C ILE A 212 0.58 -20.43 -1.07
N VAL A 213 -0.55 -20.23 -0.41
CA VAL A 213 -1.67 -21.16 -0.50
C VAL A 213 -2.82 -20.54 -1.28
N TYR A 214 -3.62 -21.41 -1.91
CA TYR A 214 -4.70 -20.96 -2.78
C TYR A 214 -6.01 -20.93 -2.03
N GLY A 215 -6.75 -19.85 -2.21
CA GLY A 215 -8.09 -19.77 -1.66
C GLY A 215 -9.10 -19.45 -2.76
N GLY A 216 -10.33 -19.86 -2.56
CA GLY A 216 -11.41 -19.57 -3.48
C GLY A 216 -12.14 -20.74 -4.18
N SER A 217 -13.31 -21.08 -3.70
CA SER A 217 -14.06 -22.17 -4.22
C SER A 217 -13.27 -23.48 -4.27
N VAL A 218 -12.38 -23.71 -3.34
CA VAL A 218 -11.72 -25.00 -3.20
C VAL A 218 -12.72 -26.05 -2.71
N THR A 219 -12.71 -27.21 -3.37
CA THR A 219 -13.59 -28.32 -3.06
C THR A 219 -12.75 -29.58 -3.19
N PRO A 220 -13.15 -30.67 -2.51
CA PRO A 220 -12.45 -31.96 -2.68
C PRO A 220 -12.29 -32.39 -4.15
N ASP A 221 -13.18 -31.94 -5.03
CA ASP A 221 -13.13 -32.36 -6.44
C ASP A 221 -11.98 -31.62 -7.19
N ASN A 222 -11.67 -30.37 -6.81
CA ASN A 222 -10.63 -29.64 -7.54
C ASN A 222 -9.25 -29.53 -6.85
N THR A 223 -9.12 -30.01 -5.61
CA THR A 223 -7.89 -29.85 -4.83
CA THR A 223 -7.91 -29.79 -4.84
C THR A 223 -6.66 -30.47 -5.45
N VAL A 224 -6.82 -31.65 -6.03
CA VAL A 224 -5.67 -32.39 -6.55
C VAL A 224 -4.94 -31.60 -7.64
N GLY A 225 -5.69 -31.04 -8.58
CA GLY A 225 -5.10 -30.26 -9.65
C GLY A 225 -4.38 -29.02 -9.11
N LEU A 226 -4.99 -28.38 -8.13
CA LEU A 226 -4.39 -27.21 -7.49
C LEU A 226 -3.13 -27.59 -6.71
N MET A 227 -3.22 -28.66 -5.92
CA MET A 227 -2.10 -29.13 -5.09
C MET A 227 -0.86 -29.51 -5.88
N SER A 228 -1.05 -29.92 -7.13
CA SER A 228 0.06 -30.40 -7.94
C SER A 228 0.90 -29.28 -8.54
N GLN A 229 0.37 -28.06 -8.50
CA GLN A 229 1.07 -26.93 -9.13
C GLN A 229 2.28 -26.53 -8.30
N PRO A 230 3.41 -26.25 -8.96
CA PRO A 230 4.71 -26.07 -8.32
C PRO A 230 4.76 -24.95 -7.28
N ASP A 231 3.98 -23.87 -7.47
CA ASP A 231 4.06 -22.76 -6.54
C ASP A 231 2.83 -22.68 -5.63
N VAL A 232 2.02 -23.73 -5.66
CA VAL A 232 0.87 -23.82 -4.75
C VAL A 232 1.22 -24.72 -3.56
N ASP A 233 1.16 -24.15 -2.36
CA ASP A 233 1.66 -24.86 -1.18
C ASP A 233 0.55 -25.30 -0.23
N GLY A 234 -0.68 -25.31 -0.71
CA GLY A 234 -1.80 -25.70 0.14
C GLY A 234 -3.03 -24.88 -0.16
N ALA A 235 -3.92 -24.76 0.82
CA ALA A 235 -5.20 -24.14 0.56
C ALA A 235 -5.70 -23.37 1.77
N LEU A 236 -6.35 -22.25 1.50
CA LEU A 236 -7.21 -21.58 2.46
C LEU A 236 -8.64 -21.93 2.05
N VAL A 237 -9.27 -22.78 2.85
CA VAL A 237 -10.56 -23.38 2.51
C VAL A 237 -11.72 -22.63 3.16
N GLY A 238 -12.71 -22.25 2.36
CA GLY A 238 -13.87 -21.54 2.86
C GLY A 238 -15.01 -22.48 3.21
N GLY A 239 -16.09 -22.44 2.43
CA GLY A 239 -17.25 -23.26 2.70
C GLY A 239 -17.00 -24.74 2.94
N ALA A 240 -16.05 -25.32 2.22
CA ALA A 240 -15.75 -26.74 2.39
C ALA A 240 -15.14 -27.07 3.75
N SER A 241 -14.73 -26.06 4.49
CA SER A 241 -14.14 -26.30 5.81
C SER A 241 -15.19 -26.56 6.89
N LEU A 242 -16.46 -26.33 6.57
CA LEU A 242 -17.55 -26.46 7.55
C LEU A 242 -18.04 -27.89 7.71
N LYS A 243 -17.60 -28.77 6.82
CA LYS A 243 -17.85 -30.21 7.00
C LYS A 243 -16.52 -30.90 7.16
N ALA A 244 -16.38 -31.70 8.21
CA ALA A 244 -15.10 -32.28 8.56
C ALA A 244 -14.57 -33.20 7.44
N ASP A 245 -15.45 -33.96 6.82
CA ASP A 245 -14.98 -34.88 5.79
C ASP A 245 -14.45 -34.16 4.55
N SER A 246 -15.09 -33.08 4.12
CA SER A 246 -14.62 -32.34 2.96
CA SER A 246 -14.61 -32.36 2.95
C SER A 246 -13.31 -31.63 3.28
N PHE A 247 -13.21 -31.11 4.50
CA PHE A 247 -11.99 -30.45 4.90
C PHE A 247 -10.85 -31.45 4.98
N LEU A 248 -11.10 -32.60 5.61
CA LEU A 248 -10.05 -33.61 5.71
C LEU A 248 -9.62 -34.16 4.35
N ALA A 249 -10.55 -34.25 3.41
CA ALA A 249 -10.20 -34.69 2.06
C ALA A 249 -9.17 -33.76 1.44
N ILE A 250 -9.33 -32.46 1.69
CA ILE A 250 -8.38 -31.48 1.18
C ILE A 250 -7.03 -31.59 1.92
N VAL A 251 -7.07 -31.75 3.24
CA VAL A 251 -5.84 -31.99 4.00
C VAL A 251 -5.08 -33.22 3.48
N LYS A 252 -5.78 -34.32 3.25
CA LYS A 252 -5.11 -35.55 2.83
C LYS A 252 -4.53 -35.42 1.41
N ALA A 253 -5.17 -34.58 0.60
CA ALA A 253 -4.67 -34.34 -0.76
C ALA A 253 -3.38 -33.51 -0.76
N ALA A 254 -3.14 -32.78 0.32
CA ALA A 254 -1.93 -31.97 0.43
C ALA A 254 -0.74 -32.79 0.90
N GLY A 255 -1.01 -34.03 1.30
CA GLY A 255 0.02 -34.92 1.79
C GLY A 255 0.89 -35.47 0.66
N THR B 6 23.38 16.61 -9.89
CA THR B 6 22.98 16.16 -11.21
C THR B 6 21.46 16.13 -11.34
N ARG B 7 20.77 16.03 -10.20
CA ARG B 7 19.31 16.20 -10.17
C ARG B 7 18.99 17.70 -10.16
N LYS B 8 18.29 18.15 -11.20
CA LYS B 8 17.87 19.54 -11.28
C LYS B 8 16.91 19.85 -10.13
N LYS B 9 17.16 20.93 -9.41
CA LYS B 9 16.31 21.33 -8.30
C LYS B 9 14.89 21.61 -8.79
N PHE B 10 13.93 21.34 -7.93
CA PHE B 10 12.51 21.40 -8.26
C PHE B 10 11.77 22.17 -7.17
N VAL B 11 11.13 23.26 -7.55
CA VAL B 11 10.37 24.05 -6.58
C VAL B 11 8.93 24.18 -7.04
N ALA B 12 8.02 23.62 -6.24
CA ALA B 12 6.60 23.59 -6.54
C ALA B 12 5.83 24.50 -5.60
N GLY B 13 4.91 25.29 -6.14
CA GLY B 13 4.06 26.12 -5.32
C GLY B 13 2.63 25.65 -5.26
N ASN B 14 2.25 25.10 -4.12
CA ASN B 14 0.91 24.54 -3.95
C ASN B 14 0.01 25.61 -3.35
N TRP B 15 -0.80 26.25 -4.19
CA TRP B 15 -1.64 27.36 -3.72
C TRP B 15 -2.80 26.88 -2.87
N LYS B 16 -3.08 25.57 -2.93
CA LYS B 16 -4.20 24.97 -2.23
C LYS B 16 -5.50 25.70 -2.59
N MET B 17 -6.44 25.74 -1.68
CA MET B 17 -7.77 26.25 -2.03
C MET B 17 -7.83 27.74 -1.77
N ASN B 18 -7.07 28.49 -2.57
CA ASN B 18 -6.92 29.93 -2.42
C ASN B 18 -6.85 30.63 -3.77
N THR B 19 -7.01 31.97 -3.69
CA THR B 19 -6.95 32.97 -4.77
C THR B 19 -8.27 33.15 -5.52
N THR B 20 -8.58 34.41 -5.80
CA THR B 20 -9.62 34.78 -6.72
C THR B 20 -9.03 34.68 -8.11
N LEU B 21 -9.86 34.88 -9.13
CA LEU B 21 -9.39 34.83 -10.50
C LEU B 21 -8.32 35.90 -10.76
N ALA B 22 -8.58 37.15 -10.34
CA ALA B 22 -7.61 38.23 -10.51
C ALA B 22 -6.31 37.98 -9.74
N GLU B 23 -6.41 37.47 -8.52
CA GLU B 23 -5.22 37.15 -7.73
C GLU B 23 -4.39 36.03 -8.37
N ALA B 24 -5.07 35.07 -8.98
CA ALA B 24 -4.39 33.94 -9.59
C ALA B 24 -3.60 34.41 -10.81
N LYS B 25 -4.22 35.30 -11.57
CA LYS B 25 -3.54 35.89 -12.72
C LYS B 25 -2.34 36.70 -12.26
N ALA B 26 -2.51 37.44 -11.16
CA ALA B 26 -1.45 38.34 -10.71
C ALA B 26 -0.28 37.56 -10.13
N LEU B 27 -0.59 36.57 -9.30
CA LEU B 27 0.43 35.69 -8.73
C LEU B 27 1.19 34.96 -9.84
N GLY B 28 0.46 34.33 -10.75
CA GLY B 28 1.08 33.67 -11.89
C GLY B 28 1.97 34.58 -12.71
N ALA B 29 1.48 35.78 -13.02
CA ALA B 29 2.27 36.73 -13.82
C ALA B 29 3.53 37.20 -13.08
N ALA B 30 3.38 37.51 -11.79
CA ALA B 30 4.51 37.96 -10.99
C ALA B 30 5.60 36.87 -10.85
N VAL B 31 5.18 35.62 -10.68
CA VAL B 31 6.14 34.54 -10.56
C VAL B 31 6.86 34.33 -11.89
N ALA B 32 6.08 34.39 -12.98
CA ALA B 32 6.64 34.23 -14.31
C ALA B 32 7.67 35.31 -14.57
N LYS B 33 7.38 36.53 -14.14
CA LYS B 33 8.30 37.65 -14.34
C LYS B 33 9.61 37.46 -13.58
N GLY B 34 9.50 36.90 -12.37
CA GLY B 34 10.64 36.77 -11.49
C GLY B 34 11.59 35.65 -11.84
N VAL B 35 11.09 34.65 -12.54
CA VAL B 35 11.91 33.50 -12.89
C VAL B 35 12.65 33.80 -14.20
N THR B 36 13.92 34.17 -14.06
CA THR B 36 14.66 34.75 -15.17
C THR B 36 15.69 33.81 -15.77
N ASP B 37 15.70 32.56 -15.28
CA ASP B 37 16.50 31.52 -15.92
C ASP B 37 15.82 30.17 -15.73
N ASP B 38 16.40 29.12 -16.29
CA ASP B 38 15.82 27.79 -16.17
C ASP B 38 16.76 26.87 -15.39
N ARG B 39 17.50 27.45 -14.44
CA ARG B 39 18.40 26.67 -13.60
C ARG B 39 17.63 25.76 -12.65
N VAL B 40 16.47 26.23 -12.21
CA VAL B 40 15.59 25.45 -11.35
C VAL B 40 14.29 25.13 -12.09
N THR B 41 13.77 23.92 -11.91
CA THR B 41 12.45 23.60 -12.40
C THR B 41 11.42 24.23 -11.47
N VAL B 42 10.61 25.15 -11.98
CA VAL B 42 9.62 25.86 -11.17
C VAL B 42 8.21 25.63 -11.70
N ALA B 43 7.29 25.25 -10.81
CA ALA B 43 5.91 25.01 -11.20
C ALA B 43 4.95 25.61 -10.18
N VAL B 44 3.82 26.11 -10.65
CA VAL B 44 2.80 26.62 -9.74
C VAL B 44 1.50 25.83 -9.93
N PHE B 45 0.78 25.65 -8.84
CA PHE B 45 -0.37 24.73 -8.77
C PHE B 45 -1.63 25.44 -8.28
N PRO B 46 -2.36 26.11 -9.21
CA PRO B 46 -3.62 26.76 -8.85
C PRO B 46 -4.77 25.77 -8.68
N PRO B 47 -5.88 26.21 -8.05
CA PRO B 47 -7.11 25.41 -8.02
C PRO B 47 -7.69 25.27 -9.43
N TYR B 48 -8.40 24.18 -9.69
CA TYR B 48 -8.88 23.84 -11.05
C TYR B 48 -9.49 24.99 -11.84
N PRO B 49 -10.39 25.79 -11.22
CA PRO B 49 -11.10 26.72 -12.12
C PRO B 49 -10.23 27.85 -12.69
N TRP B 50 -9.04 28.07 -12.14
CA TRP B 50 -8.17 29.14 -12.62
C TRP B 50 -7.05 28.68 -13.52
N LEU B 51 -6.97 27.38 -13.77
CA LEU B 51 -5.86 26.83 -14.54
C LEU B 51 -5.64 27.49 -15.91
N THR B 52 -6.71 27.70 -16.68
CA THR B 52 -6.52 28.28 -18.03
C THR B 52 -6.03 29.71 -17.97
N ALA B 53 -6.49 30.44 -16.96
CA ALA B 53 -6.10 31.83 -16.76
C ALA B 53 -4.63 31.91 -16.39
N VAL B 54 -4.19 31.03 -15.50
CA VAL B 54 -2.82 31.09 -15.04
C VAL B 54 -1.90 30.55 -16.14
N GLY B 55 -2.35 29.50 -16.82
CA GLY B 55 -1.60 28.98 -17.95
C GLY B 55 -1.30 30.05 -18.99
N GLU B 56 -2.23 30.98 -19.18
CA GLU B 56 -2.02 32.08 -20.12
C GLU B 56 -0.90 33.03 -19.68
N VAL B 57 -0.92 33.48 -18.43
CA VAL B 57 0.08 34.43 -17.95
C VAL B 57 1.47 33.79 -17.85
N LEU B 58 1.53 32.47 -17.88
CA LEU B 58 2.80 31.76 -17.75
C LEU B 58 3.50 31.55 -19.09
N LYS B 59 2.77 31.77 -20.17
CA LYS B 59 3.32 31.53 -21.50
C LYS B 59 4.57 32.36 -21.72
N GLY B 60 5.60 31.73 -22.27
CA GLY B 60 6.84 32.42 -22.58
C GLY B 60 7.84 32.40 -21.44
N SER B 61 7.39 31.96 -20.27
CA SER B 61 8.21 31.91 -19.08
C SER B 61 8.74 30.50 -18.86
N PRO B 62 9.76 30.34 -17.99
CA PRO B 62 10.22 29.00 -17.66
C PRO B 62 9.26 28.24 -16.73
N VAL B 63 8.29 28.95 -16.16
CA VAL B 63 7.43 28.39 -15.14
C VAL B 63 6.34 27.49 -15.71
N ALA B 64 6.23 26.28 -15.17
CA ALA B 64 5.21 25.34 -15.58
C ALA B 64 3.96 25.47 -14.73
N LEU B 65 2.86 24.97 -15.29
CA LEU B 65 1.60 24.89 -14.58
C LEU B 65 1.34 23.46 -14.08
N GLY B 66 0.71 23.33 -12.92
CA GLY B 66 0.32 22.03 -12.41
C GLY B 66 -1.03 22.07 -11.70
N ALA B 67 -1.63 20.90 -11.49
CA ALA B 67 -2.90 20.78 -10.75
C ALA B 67 -2.71 20.10 -9.40
N GLN B 68 -3.61 20.38 -8.46
CA GLN B 68 -3.48 19.89 -7.08
C GLN B 68 -3.99 18.48 -6.85
N ASP B 69 -4.65 17.91 -7.87
CA ASP B 69 -5.15 16.55 -7.81
C ASP B 69 -5.53 16.18 -9.25
N VAL B 70 -5.84 14.91 -9.46
CA VAL B 70 -6.24 14.44 -10.78
C VAL B 70 -7.00 13.14 -10.63
N SER B 71 -7.94 12.92 -11.54
CA SER B 71 -8.75 11.72 -11.50
C SER B 71 -7.90 10.49 -11.75
N SER B 72 -8.35 9.35 -11.22
CA SER B 72 -7.76 8.06 -11.57
C SER B 72 -8.30 7.53 -12.89
N GLU B 73 -9.24 8.25 -13.50
CA GLU B 73 -9.82 7.82 -14.77
C GLU B 73 -9.55 8.83 -15.89
N LYS B 74 -9.66 8.38 -17.16
CA LYS B 74 -9.29 9.23 -18.30
C LYS B 74 -10.44 10.06 -18.84
N LYS B 75 -11.67 9.60 -18.59
CA LYS B 75 -12.87 10.23 -19.13
C LYS B 75 -14.10 9.57 -18.54
N GLY B 76 -15.24 10.24 -18.64
CA GLY B 76 -16.49 9.56 -18.44
C GLY B 76 -17.24 9.84 -17.15
N ALA B 77 -17.90 8.80 -16.64
CA ALA B 77 -18.93 8.95 -15.62
C ALA B 77 -18.34 8.97 -14.22
N PHE B 78 -17.63 10.06 -13.94
CA PHE B 78 -17.00 10.26 -12.63
C PHE B 78 -17.28 11.69 -12.21
N THR B 79 -18.51 11.89 -11.74
CA THR B 79 -18.99 13.21 -11.39
C THR B 79 -18.03 13.89 -10.42
N GLY B 80 -17.70 15.14 -10.75
CA GLY B 80 -16.84 15.97 -9.93
C GLY B 80 -15.34 15.77 -10.12
N GLU B 81 -14.97 14.79 -10.93
CA GLU B 81 -13.53 14.53 -11.16
C GLU B 81 -12.98 15.29 -12.36
N VAL B 82 -11.67 15.57 -12.34
CA VAL B 82 -11.02 16.27 -13.43
C VAL B 82 -9.98 15.36 -14.11
N SER B 83 -10.06 15.22 -15.42
CA SER B 83 -9.22 14.25 -16.12
C SER B 83 -7.84 14.80 -16.46
N PRO B 84 -6.87 13.91 -16.65
CA PRO B 84 -5.57 14.36 -17.17
C PRO B 84 -5.69 15.12 -18.50
N ALA B 85 -6.61 14.71 -19.38
CA ALA B 85 -6.78 15.39 -20.66
C ALA B 85 -7.19 16.83 -20.45
N MET B 86 -8.11 17.03 -19.51
CA MET B 86 -8.54 18.39 -19.20
C MET B 86 -7.36 19.21 -18.71
N LEU B 87 -6.61 18.63 -17.77
CA LEU B 87 -5.48 19.34 -17.16
C LEU B 87 -4.43 19.69 -18.20
N LEU B 88 -4.15 18.75 -19.09
CA LEU B 88 -3.21 19.01 -20.19
C LEU B 88 -3.68 20.13 -21.10
N GLU B 89 -4.99 20.19 -21.37
CA GLU B 89 -5.51 21.25 -22.22
C GLU B 89 -5.40 22.62 -21.56
N THR B 90 -5.57 22.68 -20.24
CA THR B 90 -5.42 23.97 -19.55
C THR B 90 -3.97 24.47 -19.59
N GLY B 91 -3.04 23.56 -19.84
CA GLY B 91 -1.62 23.91 -19.92
C GLY B 91 -0.77 23.22 -18.87
N CYS B 92 -1.37 22.34 -18.07
CA CYS B 92 -0.66 21.62 -17.00
C CYS B 92 0.38 20.65 -17.50
N LYS B 93 1.54 20.68 -16.86
CA LYS B 93 2.56 19.66 -17.07
C LYS B 93 2.59 18.68 -15.91
N TYR B 94 2.14 19.13 -14.74
CA TYR B 94 2.23 18.35 -13.50
C TYR B 94 0.89 18.15 -12.81
N ALA B 95 0.83 17.11 -11.98
CA ALA B 95 -0.25 16.99 -10.99
C ALA B 95 0.31 16.52 -9.65
N LEU B 96 -0.16 17.12 -8.56
CA LEU B 96 0.09 16.58 -7.22
C LEU B 96 -0.82 15.40 -6.98
N ILE B 97 -0.27 14.33 -6.39
CA ILE B 97 -1.07 13.16 -6.03
C ILE B 97 -0.74 12.72 -4.62
N GLY B 98 -1.77 12.48 -3.81
CA GLY B 98 -1.57 11.92 -2.48
C GLY B 98 -1.18 12.92 -1.41
N HIS B 99 -1.48 14.19 -1.64
CA HIS B 99 -1.20 15.21 -0.63
C HIS B 99 -1.84 14.80 0.70
N SER B 100 -1.14 15.10 1.80
CA SER B 100 -1.58 14.73 3.15
C SER B 100 -3.04 15.14 3.42
N GLU B 101 -3.41 16.31 2.92
CA GLU B 101 -4.77 16.79 3.16
C GLU B 101 -5.77 15.89 2.46
N ARG B 102 -5.39 15.35 1.32
CA ARG B 102 -6.30 14.45 0.63
C ARG B 102 -6.27 13.06 1.23
N ARG B 103 -5.09 12.59 1.67
CA ARG B 103 -5.00 11.30 2.35
C ARG B 103 -5.80 11.26 3.64
N HIS B 104 -5.59 12.26 4.48
CA HIS B 104 -6.02 12.19 5.88
C HIS B 104 -7.30 12.97 6.19
N ILE B 105 -7.54 14.06 5.47
CA ILE B 105 -8.76 14.84 5.71
C ILE B 105 -9.85 14.37 4.76
N ILE B 106 -9.57 14.40 3.47
CA ILE B 106 -10.55 13.95 2.47
C ILE B 106 -10.75 12.42 2.50
N GLY B 107 -9.66 11.66 2.54
CA GLY B 107 -9.74 10.22 2.80
C GLY B 107 -9.28 9.27 1.69
N GLU B 108 -8.39 9.72 0.83
CA GLU B 108 -7.94 8.96 -0.33
C GLU B 108 -7.11 7.76 0.04
N SER B 109 -7.47 6.60 -0.51
CA SER B 109 -6.78 5.36 -0.18
C SER B 109 -5.54 5.18 -1.02
N GLU B 110 -4.68 4.26 -0.60
CA GLU B 110 -3.48 4.00 -1.37
C GLU B 110 -3.77 3.25 -2.67
N THR B 111 -4.87 2.48 -2.73
CA THR B 111 -5.31 1.96 -4.02
C THR B 111 -5.61 3.08 -5.01
N PHE B 112 -6.38 4.05 -4.55
CA PHE B 112 -6.76 5.22 -5.34
C PHE B 112 -5.50 5.98 -5.79
N ILE B 113 -4.57 6.20 -4.86
CA ILE B 113 -3.37 6.96 -5.14
C ILE B 113 -2.52 6.25 -6.20
N ASN B 114 -2.33 4.95 -6.02
CA ASN B 114 -1.60 4.13 -6.99
C ASN B 114 -2.24 4.23 -8.39
N HIS B 115 -3.57 4.15 -8.44
CA HIS B 115 -4.31 4.27 -9.71
CA HIS B 115 -4.25 4.25 -9.72
C HIS B 115 -4.09 5.64 -10.34
N LYS B 116 -4.19 6.69 -9.52
CA LYS B 116 -3.98 8.05 -10.01
C LYS B 116 -2.60 8.22 -10.64
N VAL B 117 -1.58 7.69 -9.97
CA VAL B 117 -0.22 7.84 -10.46
C VAL B 117 -0.09 7.22 -11.85
N HIS B 118 -0.63 6.01 -12.00
CA HIS B 118 -0.63 5.35 -13.31
C HIS B 118 -1.37 6.13 -14.37
N THR B 119 -2.60 6.53 -14.07
CA THR B 119 -3.41 7.21 -15.06
C THR B 119 -2.78 8.53 -15.51
N ALA B 120 -2.27 9.29 -14.55
CA ALA B 120 -1.69 10.59 -14.88
C ALA B 120 -0.49 10.42 -15.81
N LEU B 121 0.33 9.42 -15.51
CA LEU B 121 1.54 9.19 -16.30
C LEU B 121 1.16 8.67 -17.68
N GLU B 122 0.20 7.74 -17.73
CA GLU B 122 -0.24 7.17 -19.00
C GLU B 122 -0.74 8.24 -19.95
N GLU B 123 -1.39 9.25 -19.39
CA GLU B 123 -2.04 10.26 -20.23
C GLU B 123 -1.15 11.43 -20.59
N GLY B 124 0.04 11.51 -20.00
CA GLY B 124 1.01 12.51 -20.42
C GLY B 124 1.40 13.56 -19.40
N LEU B 125 0.92 13.40 -18.18
CA LEU B 125 1.29 14.30 -17.09
C LEU B 125 2.57 13.84 -16.39
N SER B 126 3.27 14.78 -15.76
CA SER B 126 4.29 14.42 -14.77
C SER B 126 3.67 14.46 -13.39
N VAL B 127 4.17 13.64 -12.47
CA VAL B 127 3.54 13.49 -11.15
C VAL B 127 4.42 13.91 -9.99
N VAL B 128 3.84 14.67 -9.06
CA VAL B 128 4.46 14.92 -7.77
C VAL B 128 3.75 14.08 -6.72
N LEU B 129 4.38 13.00 -6.31
CA LEU B 129 3.79 12.06 -5.35
C LEU B 129 4.13 12.43 -3.92
N CYS B 130 3.10 12.73 -3.13
CA CYS B 130 3.29 13.16 -1.75
C CYS B 130 3.19 12.01 -0.78
N MET B 131 4.04 12.04 0.25
CA MET B 131 4.05 11.02 1.28
C MET B 131 4.57 11.63 2.57
N GLY B 132 4.55 10.87 3.65
CA GLY B 132 4.97 11.39 4.95
C GLY B 132 4.14 10.85 6.10
N GLU B 133 4.68 10.93 7.30
CA GLU B 133 4.03 10.34 8.47
C GLU B 133 3.25 11.37 9.30
N THR B 134 2.33 10.87 10.12
CA THR B 134 1.58 11.71 11.04
C THR B 134 2.42 11.96 12.30
N LEU B 135 1.95 12.88 13.14
CA LEU B 135 2.63 13.13 14.40
C LEU B 135 2.65 11.87 15.27
N ALA B 136 1.52 11.16 15.30
CA ALA B 136 1.43 9.91 16.06
C ALA B 136 2.44 8.87 15.58
N GLU B 137 2.57 8.72 14.27
CA GLU B 137 3.53 7.77 13.71
C GLU B 137 4.97 8.15 14.05
N ARG B 138 5.29 9.44 13.97
CA ARG B 138 6.63 9.91 14.32
C ARG B 138 6.93 9.67 15.81
N GLU B 139 5.96 9.96 16.66
CA GLU B 139 6.12 9.78 18.10
C GLU B 139 6.41 8.32 18.47
N ARG B 140 5.90 7.40 17.67
CA ARG B 140 6.10 5.97 17.92
C ARG B 140 7.31 5.40 17.18
N GLY B 141 8.01 6.25 16.44
CA GLY B 141 9.20 5.85 15.71
C GLY B 141 8.88 4.97 14.51
N LEU B 142 7.68 5.11 13.97
CA LEU B 142 7.22 4.25 12.89
C LEU B 142 7.36 4.87 11.50
N GLN B 143 8.07 6.00 11.41
CA GLN B 143 8.11 6.73 10.16
C GLN B 143 8.70 5.91 9.00
N GLU B 144 9.74 5.11 9.25
CA GLU B 144 10.35 4.37 8.14
C GLU B 144 9.43 3.26 7.66
N ARG B 145 8.63 2.70 8.57
CA ARG B 145 7.63 1.70 8.14
C ARG B 145 6.62 2.36 7.20
N VAL B 146 6.11 3.51 7.62
CA VAL B 146 5.17 4.29 6.81
C VAL B 146 5.78 4.71 5.49
N PHE B 147 7.01 5.22 5.50
CA PHE B 147 7.67 5.63 4.25
C PHE B 147 7.73 4.46 3.26
N GLN B 148 8.14 3.29 3.74
CA GLN B 148 8.27 2.13 2.86
C GLN B 148 6.92 1.73 2.31
N ARG B 149 5.92 1.66 3.18
CA ARG B 149 4.56 1.30 2.75
C ARG B 149 4.05 2.29 1.71
N GLN B 150 4.21 3.58 1.97
CA GLN B 150 3.68 4.60 1.07
C GLN B 150 4.35 4.57 -0.29
N VAL B 151 5.68 4.45 -0.30
CA VAL B 151 6.40 4.49 -1.57
C VAL B 151 6.12 3.26 -2.41
N TYR B 152 6.18 2.09 -1.79
CA TYR B 152 5.99 0.88 -2.58
C TYR B 152 4.52 0.68 -3.00
N ALA B 153 3.57 1.13 -2.18
CA ALA B 153 2.17 1.03 -2.59
C ALA B 153 1.84 2.00 -3.74
N ALA B 154 2.36 3.22 -3.68
CA ALA B 154 2.00 4.22 -4.68
C ALA B 154 2.67 3.92 -6.01
N CYS B 155 3.88 3.36 -5.94
CA CYS B 155 4.67 3.14 -7.15
C CYS B 155 4.47 1.75 -7.74
N ALA B 156 3.62 0.95 -7.13
CA ALA B 156 3.44 -0.44 -7.59
C ALA B 156 3.07 -0.51 -9.06
N GLY B 157 3.86 -1.26 -9.83
CA GLY B 157 3.58 -1.45 -11.24
C GLY B 157 4.20 -0.42 -12.18
N LEU B 158 4.76 0.66 -11.65
CA LEU B 158 5.36 1.67 -12.52
C LEU B 158 6.55 1.09 -13.29
N THR B 159 6.64 1.45 -14.55
CA THR B 159 7.76 1.06 -15.39
C THR B 159 8.95 1.98 -15.15
N ASP B 160 10.13 1.56 -15.60
CA ASP B 160 11.32 2.39 -15.42
C ASP B 160 11.13 3.71 -16.13
N GLU B 161 10.51 3.66 -17.30
CA GLU B 161 10.25 4.85 -18.11
C GLU B 161 9.31 5.81 -17.39
N GLN B 162 8.31 5.27 -16.72
CA GLN B 162 7.33 6.10 -16.03
C GLN B 162 7.98 6.86 -14.90
N PHE B 163 8.97 6.24 -14.27
CA PHE B 163 9.69 6.87 -13.17
C PHE B 163 10.40 8.15 -13.59
N GLY B 164 10.72 8.26 -14.88
CA GLY B 164 11.37 9.43 -15.40
C GLY B 164 10.55 10.70 -15.27
N ARG B 165 9.26 10.55 -14.96
CA ARG B 165 8.38 11.69 -14.83
CA ARG B 165 8.38 11.69 -14.83
C ARG B 165 7.78 11.77 -13.43
N ILE B 166 8.47 11.19 -12.46
CA ILE B 166 8.08 11.20 -11.06
C ILE B 166 8.98 12.12 -10.22
N VAL B 167 8.34 12.94 -9.38
CA VAL B 167 8.97 13.64 -8.27
C VAL B 167 8.28 13.16 -6.99
N ILE B 168 9.05 12.92 -5.93
CA ILE B 168 8.46 12.55 -4.65
C ILE B 168 8.57 13.72 -3.67
N ALA B 169 7.48 14.03 -2.97
CA ALA B 169 7.49 15.08 -1.95
C ALA B 169 7.30 14.47 -0.58
N TYR B 170 8.24 14.71 0.30
CA TYR B 170 8.12 14.32 1.69
C TYR B 170 7.59 15.49 2.49
N GLU B 171 6.38 15.31 3.06
CA GLU B 171 5.78 16.33 3.92
C GLU B 171 5.24 15.68 5.18
N PRO B 172 5.97 15.81 6.28
CA PRO B 172 5.44 15.26 7.53
C PRO B 172 4.18 16.01 7.90
N VAL B 173 3.15 15.28 8.33
CA VAL B 173 1.86 15.92 8.58
C VAL B 173 2.01 16.97 9.67
N TRP B 174 2.88 16.69 10.64
CA TRP B 174 3.09 17.64 11.74
C TRP B 174 3.78 18.93 11.33
N ALA B 175 4.29 19.01 10.10
CA ALA B 175 4.90 20.23 9.59
C ALA B 175 4.01 21.05 8.66
N ILE B 176 2.80 20.55 8.39
CA ILE B 176 1.94 21.24 7.44
C ILE B 176 1.08 22.29 8.14
N GLY B 177 1.33 23.56 7.82
CA GLY B 177 0.52 24.65 8.31
C GLY B 177 0.71 24.97 9.78
N THR B 178 1.66 24.28 10.40
CA THR B 178 1.88 24.38 11.84
C THR B 178 3.02 25.32 12.24
N GLY B 179 3.77 25.79 11.25
CA GLY B 179 4.94 26.60 11.51
C GLY B 179 6.08 25.81 12.15
N LYS B 180 5.94 24.49 12.19
CA LYS B 180 6.95 23.63 12.78
C LYS B 180 7.63 22.80 11.70
N VAL B 181 8.64 23.40 11.09
CA VAL B 181 9.38 22.75 10.02
C VAL B 181 10.22 21.57 10.53
N ALA B 182 10.41 20.56 9.69
CA ALA B 182 11.40 19.53 9.95
C ALA B 182 12.80 20.15 10.05
N THR B 183 13.61 19.65 10.97
CA THR B 183 15.02 20.05 10.98
C THR B 183 15.68 19.54 9.71
N PRO B 184 16.79 20.17 9.30
CA PRO B 184 17.55 19.62 8.17
C PRO B 184 17.91 18.15 8.36
N GLU B 185 18.23 17.78 9.60
CA GLU B 185 18.55 16.40 9.94
C GLU B 185 17.35 15.48 9.68
N GLN B 186 16.18 15.91 10.12
CA GLN B 186 14.96 15.12 9.96
C GLN B 186 14.65 14.93 8.48
N ALA B 187 14.74 16.01 7.70
CA ALA B 187 14.45 15.92 6.28
C ALA B 187 15.45 15.01 5.59
N GLN B 188 16.73 15.20 5.88
CA GLN B 188 17.78 14.41 5.25
C GLN B 188 17.59 12.92 5.54
N GLU B 189 17.29 12.58 6.80
CA GLU B 189 17.15 11.17 7.15
C GLU B 189 15.96 10.56 6.43
N ALA B 190 14.87 11.31 6.31
CA ALA B 190 13.68 10.78 5.63
C ALA B 190 13.95 10.62 4.13
N HIS B 191 14.54 11.66 3.53
CA HIS B 191 14.83 11.61 2.10
C HIS B 191 15.81 10.51 1.74
N ALA B 192 16.86 10.34 2.56
CA ALA B 192 17.84 9.29 2.28
C ALA B 192 17.18 7.91 2.36
N PHE B 193 16.25 7.75 3.29
CA PHE B 193 15.56 6.47 3.42
C PHE B 193 14.65 6.22 2.22
N VAL B 194 13.88 7.24 1.81
CA VAL B 194 13.04 7.10 0.63
C VAL B 194 13.89 6.75 -0.61
N ARG B 195 15.02 7.43 -0.77
CA ARG B 195 15.88 7.15 -1.92
C ARG B 195 16.41 5.73 -1.85
N SER B 196 16.69 5.22 -0.66
CA SER B 196 17.18 3.86 -0.54
CA SER B 196 17.17 3.85 -0.52
C SER B 196 16.08 2.87 -0.93
N LYS B 197 14.84 3.19 -0.62
CA LYS B 197 13.72 2.34 -1.03
C LYS B 197 13.66 2.24 -2.54
N LEU B 198 13.84 3.39 -3.20
CA LEU B 198 13.86 3.40 -4.67
C LEU B 198 15.02 2.56 -5.20
N ARG B 199 16.18 2.68 -4.56
CA ARG B 199 17.37 1.96 -5.02
C ARG B 199 17.19 0.46 -4.90
N LEU B 200 16.66 0.03 -3.76
CA LEU B 200 16.54 -1.41 -3.46
C LEU B 200 15.52 -2.12 -4.34
N LEU B 201 14.50 -1.40 -4.82
CA LEU B 201 13.51 -2.05 -5.66
C LEU B 201 13.62 -1.67 -7.15
N TYR B 202 13.96 -0.42 -7.42
CA TYR B 202 13.98 0.08 -8.79
C TYR B 202 15.36 0.33 -9.39
N GLY B 203 16.40 0.25 -8.57
CA GLY B 203 17.76 0.32 -9.07
C GLY B 203 18.42 1.67 -8.94
N ASP B 204 19.70 1.73 -9.27
CA ASP B 204 20.51 2.92 -9.06
C ASP B 204 20.07 4.11 -9.91
N LYS B 205 19.79 3.89 -11.19
CA LYS B 205 19.47 5.00 -12.08
C LYS B 205 18.24 5.74 -11.60
N ILE B 206 17.21 4.99 -11.22
CA ILE B 206 15.97 5.61 -10.76
C ILE B 206 16.20 6.29 -9.42
N ALA B 207 16.95 5.63 -8.53
CA ALA B 207 17.22 6.23 -7.21
C ALA B 207 18.00 7.54 -7.33
N ASP B 208 19.02 7.55 -8.18
CA ASP B 208 19.87 8.73 -8.30
C ASP B 208 19.27 9.83 -9.18
N SER B 209 18.25 9.50 -9.96
CA SER B 209 17.67 10.49 -10.87
C SER B 209 16.37 11.11 -10.35
N THR B 210 15.71 10.47 -9.39
CA THR B 210 14.38 10.92 -8.96
C THR B 210 14.48 12.06 -7.93
N PRO B 211 13.92 13.23 -8.27
CA PRO B 211 13.96 14.32 -7.28
C PRO B 211 13.07 14.00 -6.08
N ILE B 212 13.60 14.23 -4.88
CA ILE B 212 12.82 14.10 -3.66
C ILE B 212 12.85 15.45 -2.97
N VAL B 213 11.69 16.08 -2.86
CA VAL B 213 11.59 17.45 -2.34
C VAL B 213 10.93 17.44 -0.97
N TYR B 214 11.26 18.44 -0.16
CA TYR B 214 10.71 18.55 1.19
C TYR B 214 9.58 19.59 1.22
N GLY B 215 8.50 19.30 1.94
CA GLY B 215 7.50 20.32 2.20
C GLY B 215 7.02 20.30 3.64
N GLY B 216 6.42 21.41 4.05
CA GLY B 216 5.90 21.52 5.40
C GLY B 216 6.56 22.67 6.12
N SER B 217 5.87 23.81 6.16
CA SER B 217 6.36 25.03 6.80
C SER B 217 7.64 25.57 6.18
N VAL B 218 7.82 25.35 4.88
CA VAL B 218 8.94 25.94 4.16
C VAL B 218 8.78 27.46 4.07
N THR B 219 9.85 28.18 4.41
CA THR B 219 9.87 29.63 4.32
C THR B 219 11.18 30.09 3.67
N PRO B 220 11.22 31.35 3.21
CA PRO B 220 12.53 31.83 2.75
C PRO B 220 13.62 31.71 3.83
N ASP B 221 13.25 31.76 5.10
CA ASP B 221 14.25 31.74 6.18
C ASP B 221 14.82 30.34 6.50
N ASN B 222 14.10 29.28 6.17
CA ASN B 222 14.60 27.94 6.50
C ASN B 222 14.93 27.09 5.27
N THR B 223 14.71 27.65 4.10
CA THR B 223 14.86 26.93 2.84
CA THR B 223 14.84 26.87 2.88
C THR B 223 16.31 26.51 2.58
N VAL B 224 17.25 27.39 2.88
CA VAL B 224 18.65 27.07 2.59
C VAL B 224 19.15 25.84 3.35
N GLY B 225 18.84 25.78 4.65
CA GLY B 225 19.24 24.66 5.48
C GLY B 225 18.70 23.34 4.97
N LEU B 226 17.46 23.37 4.48
CA LEU B 226 16.80 22.18 3.95
C LEU B 226 17.37 21.79 2.60
N MET B 227 17.45 22.76 1.69
CA MET B 227 17.86 22.45 0.33
C MET B 227 19.32 22.06 0.24
N SER B 228 20.10 22.46 1.25
CA SER B 228 21.53 22.15 1.27
C SER B 228 21.82 20.70 1.65
N GLN B 229 20.80 19.98 2.11
CA GLN B 229 20.98 18.56 2.42
C GLN B 229 21.16 17.74 1.15
N PRO B 230 22.06 16.73 1.21
CA PRO B 230 22.41 16.04 -0.04
C PRO B 230 21.26 15.27 -0.70
N ASP B 231 20.26 14.84 0.07
CA ASP B 231 19.17 14.08 -0.54
C ASP B 231 17.88 14.89 -0.71
N VAL B 232 17.97 16.19 -0.47
CA VAL B 232 16.84 17.11 -0.63
C VAL B 232 17.04 17.89 -1.94
N ASP B 233 16.10 17.74 -2.87
CA ASP B 233 16.26 18.27 -4.22
C ASP B 233 15.34 19.42 -4.54
N GLY B 234 14.77 20.04 -3.52
CA GLY B 234 13.88 21.16 -3.74
C GLY B 234 12.81 21.24 -2.67
N ALA B 235 11.73 21.93 -3.00
CA ALA B 235 10.70 22.20 -1.99
C ALA B 235 9.31 22.11 -2.58
N LEU B 236 8.40 21.57 -1.77
CA LEU B 236 6.97 21.69 -2.04
C LEU B 236 6.50 22.78 -1.11
N VAL B 237 6.19 23.93 -1.67
CA VAL B 237 5.89 25.14 -0.89
C VAL B 237 4.39 25.31 -0.78
N GLY B 238 3.89 25.52 0.44
CA GLY B 238 2.46 25.73 0.65
C GLY B 238 2.16 27.22 0.72
N GLY B 239 1.89 27.68 1.93
CA GLY B 239 1.50 29.06 2.16
C GLY B 239 2.43 30.13 1.60
N ALA B 240 3.73 29.86 1.59
CA ALA B 240 4.67 30.85 1.10
C ALA B 240 4.59 30.99 -0.42
N SER B 241 3.85 30.10 -1.08
CA SER B 241 3.74 30.15 -2.54
C SER B 241 2.67 31.16 -2.96
N LEU B 242 1.92 31.65 -1.99
CA LEU B 242 0.80 32.57 -2.26
C LEU B 242 1.26 34.02 -2.43
N LYS B 243 2.51 34.28 -2.12
CA LYS B 243 3.12 35.58 -2.34
C LYS B 243 4.30 35.41 -3.26
N ALA B 244 4.31 36.20 -4.34
CA ALA B 244 5.30 36.04 -5.39
C ALA B 244 6.72 36.22 -4.84
N ASP B 245 6.89 37.24 -4.00
CA ASP B 245 8.23 37.56 -3.50
C ASP B 245 8.81 36.41 -2.66
N SER B 246 8.01 35.81 -1.79
CA SER B 246 8.50 34.72 -0.95
CA SER B 246 8.52 34.74 -0.95
C SER B 246 8.77 33.48 -1.78
N PHE B 247 7.89 33.21 -2.74
CA PHE B 247 8.05 32.02 -3.57
C PHE B 247 9.32 32.16 -4.44
N LEU B 248 9.53 33.36 -4.98
CA LEU B 248 10.71 33.65 -5.78
C LEU B 248 12.00 33.58 -4.95
N ALA B 249 11.89 33.95 -3.68
CA ALA B 249 13.01 33.82 -2.75
C ALA B 249 13.40 32.37 -2.57
N ILE B 250 12.41 31.49 -2.49
CA ILE B 250 12.68 30.07 -2.32
C ILE B 250 13.29 29.50 -3.59
N VAL B 251 12.81 29.97 -4.75
CA VAL B 251 13.38 29.57 -6.04
C VAL B 251 14.84 30.00 -6.13
N LYS B 252 15.11 31.24 -5.73
CA LYS B 252 16.48 31.76 -5.73
C LYS B 252 17.41 30.90 -4.86
N ALA B 253 16.91 30.45 -3.70
CA ALA B 253 17.72 29.65 -2.78
C ALA B 253 18.03 28.27 -3.33
N ALA B 254 17.17 27.77 -4.22
CA ALA B 254 17.46 26.54 -4.94
C ALA B 254 18.51 26.83 -6.00
N GLY B 255 19.22 25.80 -6.44
CA GLY B 255 20.31 25.96 -7.38
C GLY B 255 21.23 27.15 -7.14
#